data_7ORQ
#
_entry.id   7ORQ
#
_cell.length_a   42.511
_cell.length_b   41.390
_cell.length_c   72.290
_cell.angle_alpha   90.000
_cell.angle_beta   104.385
_cell.angle_gamma   90.000
#
_symmetry.space_group_name_H-M   'P 1 21 1'
#
loop_
_entity.id
_entity.type
_entity.pdbx_description
1 polymer 'Carbonic anhydrase 2'
2 non-polymer 'ZINC ION'
3 non-polymer GLYCEROL
4 non-polymer 4-[(2S)-3-butylselanyl-2-oxidanyl-propyl]selanylbenzenesulfonamide
5 non-polymer 4-[(2R)-3-butylselanyl-2-oxidanyl-propyl]selanylbenzenesulfonamide
6 water water
#
_entity_poly.entity_id   1
_entity_poly.type   'polypeptide(L)'
_entity_poly.pdbx_seq_one_letter_code
;MSHHWGYGKHNGPEHWHKDFPIAKGERQSPVDIDTHTAKYDPSLKPLSVSYDQATSLRILNNGHAFNVEFDDSQDKAVLK
GGPLDGTYRLIQFHFHWGSLDGQGSEHTVDKKKYAAELHLVHWNTKYGDFGKAVQQPDGLAVLGIFLKVGSAKPGLQKVV
DVLDSIKTKGKSADFTNFDPRGLLPESLDYWTYPGSLTTPPLLECVTWIVLKEPISVSSEQVLKFRKLNFNGEGEPEELM
VDNWRPAQPLKNRQIKASFK
;
_entity_poly.pdbx_strand_id   AAA
#
# COMPACT_ATOMS: atom_id res chain seq x y z
N HIS A 4 13.51 -17.66 3.74
CA HIS A 4 13.23 -16.17 3.73
C HIS A 4 11.72 -15.97 3.86
N TRP A 5 11.31 -14.81 4.35
CA TRP A 5 9.88 -14.53 4.63
C TRP A 5 9.10 -14.51 3.31
N GLY A 6 7.83 -14.82 3.42
CA GLY A 6 6.93 -14.61 2.27
C GLY A 6 5.48 -14.74 2.70
N TYR A 7 4.68 -15.37 1.87
CA TYR A 7 3.22 -15.48 2.11
C TYR A 7 2.76 -16.93 1.97
N GLY A 8 3.68 -17.88 1.98
CA GLY A 8 3.31 -19.32 1.93
C GLY A 8 2.92 -19.87 3.31
N LYS A 9 2.53 -21.15 3.33
CA LYS A 9 2.18 -21.90 4.57
C LYS A 9 3.41 -21.91 5.49
N HIS A 10 4.59 -21.98 4.89
CA HIS A 10 5.78 -22.22 5.72
C HIS A 10 6.56 -20.94 6.06
N ASN A 11 6.23 -19.79 5.46
CA ASN A 11 7.06 -18.58 5.67
C ASN A 11 6.16 -17.34 5.75
N GLY A 12 4.87 -17.53 5.96
CA GLY A 12 3.86 -16.47 5.90
C GLY A 12 3.79 -15.67 7.21
N PRO A 13 2.77 -14.77 7.26
CA PRO A 13 2.65 -13.84 8.38
C PRO A 13 2.71 -14.43 9.78
N GLU A 14 2.24 -15.65 10.00
CA GLU A 14 2.28 -16.25 11.35
C GLU A 14 3.69 -16.68 11.75
N HIS A 15 4.64 -16.66 10.80
CA HIS A 15 6.05 -17.03 11.05
C HIS A 15 6.95 -15.82 11.27
N TRP A 16 6.52 -14.64 10.79
CA TRP A 16 7.41 -13.47 10.69
C TRP A 16 8.04 -13.06 12.03
N HIS A 17 7.31 -13.25 13.11
CA HIS A 17 7.80 -12.84 14.44
C HIS A 17 9.12 -13.52 14.82
N LYS A 18 9.40 -14.68 14.23
CA LYS A 18 10.63 -15.38 14.66
C LYS A 18 11.87 -14.64 14.17
N ASP A 19 11.84 -14.00 13.00
CA ASP A 19 12.98 -13.17 12.55
C ASP A 19 12.75 -11.69 12.81
N PHE A 20 11.51 -11.27 13.02
CA PHE A 20 11.14 -9.84 13.18
C PHE A 20 10.25 -9.70 14.39
N PRO A 21 10.80 -9.75 15.63
CA PRO A 21 9.95 -9.81 16.84
C PRO A 21 8.98 -8.62 16.98
N ILE A 22 9.28 -7.51 16.30
CA ILE A 22 8.38 -6.31 16.33
CA ILE A 22 8.40 -6.29 16.30
C ILE A 22 7.04 -6.69 15.68
N ALA A 23 6.95 -7.84 15.03
CA ALA A 23 5.66 -8.33 14.49
C ALA A 23 4.59 -8.35 15.58
N LYS A 24 4.97 -8.55 16.84
CA LYS A 24 4.02 -8.60 17.98
C LYS A 24 4.05 -7.27 18.75
N GLY A 25 4.37 -6.16 18.11
CA GLY A 25 4.57 -4.85 18.78
C GLY A 25 3.27 -4.10 18.98
N GLU A 26 3.44 -2.87 19.43
CA GLU A 26 2.33 -2.04 19.93
C GLU A 26 1.69 -1.19 18.85
N ARG A 27 2.27 -1.13 17.65
CA ARG A 27 1.63 -0.27 16.61
C ARG A 27 1.81 -0.96 15.24
N GLN A 28 1.37 -2.20 15.15
CA GLN A 28 1.49 -2.98 13.89
C GLN A 28 0.30 -2.72 12.97
N SER A 29 0.60 -2.86 11.70
CA SER A 29 -0.39 -2.72 10.60
C SER A 29 -0.45 -3.98 9.76
N PRO A 30 -1.53 -4.20 9.00
CA PRO A 30 -2.73 -3.38 8.97
C PRO A 30 -3.64 -3.63 10.18
N VAL A 31 -4.78 -2.98 10.20
CA VAL A 31 -5.82 -3.09 11.24
C VAL A 31 -7.18 -3.09 10.58
N ASP A 32 -8.15 -3.60 11.32
CA ASP A 32 -9.56 -3.43 10.97
C ASP A 32 -9.97 -2.01 11.36
N ILE A 33 -10.62 -1.32 10.46
CA ILE A 33 -11.20 0.01 10.69
C ILE A 33 -12.66 -0.20 11.06
N ASP A 34 -12.94 -0.04 12.35
CA ASP A 34 -14.33 -0.12 12.85
CA ASP A 34 -14.33 -0.10 12.89
C ASP A 34 -14.94 1.28 12.65
N THR A 35 -15.80 1.42 11.69
CA THR A 35 -16.28 2.75 11.23
C THR A 35 -17.13 3.45 12.28
N HIS A 36 -17.79 2.69 13.15
CA HIS A 36 -18.58 3.27 14.24
C HIS A 36 -17.68 3.74 15.38
N THR A 37 -16.49 3.17 15.60
CA THR A 37 -15.55 3.48 16.73
C THR A 37 -14.59 4.61 16.32
N ALA A 38 -14.31 4.79 15.03
CA ALA A 38 -13.40 5.86 14.53
C ALA A 38 -14.06 7.20 14.89
N LYS A 39 -13.28 8.14 15.38
CA LYS A 39 -13.89 9.43 15.76
C LYS A 39 -13.51 10.48 14.73
N TYR A 40 -14.51 11.25 14.34
CA TYR A 40 -14.29 12.44 13.52
C TYR A 40 -13.41 13.40 14.30
N ASP A 41 -12.35 13.90 13.69
CA ASP A 41 -11.39 14.85 14.29
C ASP A 41 -11.51 16.12 13.47
N PRO A 42 -12.35 17.10 13.88
CA PRO A 42 -12.58 18.29 13.05
C PRO A 42 -11.31 19.13 12.90
N SER A 43 -10.26 18.87 13.70
CA SER A 43 -8.95 19.55 13.56
C SER A 43 -8.07 18.93 12.44
N LEU A 44 -8.41 17.76 11.87
CA LEU A 44 -7.63 17.20 10.71
C LEU A 44 -7.86 18.08 9.48
N LYS A 45 -6.79 18.35 8.74
CA LYS A 45 -6.82 19.13 7.47
C LYS A 45 -7.10 18.22 6.28
N PRO A 46 -7.62 18.82 5.18
CA PRO A 46 -7.72 18.12 3.92
C PRO A 46 -6.31 17.64 3.57
N LEU A 47 -6.28 16.49 2.96
CA LEU A 47 -5.04 15.96 2.42
C LEU A 47 -4.63 16.87 1.28
N SER A 48 -3.36 17.12 1.09
CA SER A 48 -2.81 17.78 -0.11
C SER A 48 -2.00 16.71 -0.85
N VAL A 49 -2.50 16.28 -1.99
CA VAL A 49 -1.79 15.32 -2.88
C VAL A 49 -1.27 16.13 -4.07
N SER A 50 0.01 16.38 -4.20
CA SER A 50 0.62 17.21 -5.26
C SER A 50 1.48 16.30 -6.11
N TYR A 51 0.89 15.67 -7.11
CA TYR A 51 1.53 14.69 -8.01
C TYR A 51 1.70 15.24 -9.43
N ASP A 52 1.44 16.52 -9.69
CA ASP A 52 1.56 17.05 -11.08
C ASP A 52 2.97 16.88 -11.67
N GLN A 53 4.04 16.90 -10.87
CA GLN A 53 5.43 16.79 -11.39
C GLN A 53 6.05 15.42 -11.10
N ALA A 54 5.23 14.41 -10.81
CA ALA A 54 5.75 13.08 -10.52
C ALA A 54 6.59 12.56 -11.70
N THR A 55 7.69 11.89 -11.39
CA THR A 55 8.59 11.29 -12.38
C THR A 55 8.73 9.81 -12.10
N SER A 56 7.92 9.01 -12.73
CA SER A 56 8.06 7.53 -12.58
C SER A 56 9.29 7.08 -13.34
N LEU A 57 9.95 6.03 -12.90
CA LEU A 57 11.20 5.59 -13.57
C LEU A 57 11.15 4.15 -14.02
N ARG A 58 10.64 3.26 -13.19
CA ARG A 58 10.88 1.83 -13.39
C ARG A 58 9.79 1.07 -12.65
N ILE A 59 9.54 -0.15 -13.07
CA ILE A 59 8.66 -1.10 -12.39
C ILE A 59 9.44 -2.36 -12.13
N LEU A 60 9.34 -2.90 -10.93
CA LEU A 60 10.17 -3.99 -10.42
C LEU A 60 9.27 -5.07 -9.81
N ASN A 61 9.46 -6.32 -10.17
CA ASN A 61 8.91 -7.47 -9.42
C ASN A 61 9.93 -7.85 -8.34
N ASN A 62 9.65 -7.59 -7.07
CA ASN A 62 10.62 -7.83 -5.98
C ASN A 62 10.39 -9.21 -5.33
N GLY A 63 9.53 -10.05 -5.87
CA GLY A 63 9.23 -11.36 -5.28
C GLY A 63 8.12 -11.34 -4.26
N HIS A 64 7.64 -10.16 -3.87
CA HIS A 64 6.55 -10.01 -2.86
C HIS A 64 5.39 -9.23 -3.47
N ALA A 65 5.66 -8.32 -4.37
CA ALA A 65 4.72 -7.46 -5.07
C ALA A 65 5.45 -6.89 -6.28
N PHE A 66 4.90 -5.88 -6.91
CA PHE A 66 5.64 -5.06 -7.87
C PHE A 66 5.61 -3.63 -7.37
N ASN A 67 6.74 -2.96 -7.54
CA ASN A 67 6.88 -1.54 -7.16
C ASN A 67 6.99 -0.70 -8.42
N VAL A 68 6.21 0.36 -8.51
CA VAL A 68 6.42 1.47 -9.47
C VAL A 68 7.23 2.54 -8.74
N GLU A 69 8.45 2.78 -9.17
CA GLU A 69 9.42 3.64 -8.48
C GLU A 69 9.41 5.02 -9.10
N PHE A 70 9.64 6.01 -8.26
CA PHE A 70 9.69 7.43 -8.65
C PHE A 70 11.06 8.02 -8.34
N ASP A 71 11.37 9.08 -9.08
CA ASP A 71 12.49 9.99 -8.72
C ASP A 71 12.12 10.76 -7.45
N ASP A 72 12.74 10.46 -6.32
CA ASP A 72 12.48 11.18 -5.05
C ASP A 72 13.73 11.98 -4.65
N SER A 73 14.54 12.38 -5.61
CA SER A 73 15.78 13.19 -5.35
C SER A 73 15.43 14.68 -5.28
N GLN A 74 14.17 15.06 -5.52
CA GLN A 74 13.63 16.43 -5.35
C GLN A 74 12.16 16.38 -4.97
N ASP A 75 11.58 17.49 -4.52
CA ASP A 75 10.15 17.62 -4.14
C ASP A 75 9.34 17.71 -5.44
N LYS A 76 9.03 16.56 -6.02
CA LYS A 76 8.31 16.44 -7.33
C LYS A 76 6.89 15.92 -7.16
N ALA A 77 6.71 14.95 -6.29
CA ALA A 77 5.41 14.34 -5.98
C ALA A 77 5.36 14.26 -4.46
N VAL A 78 4.55 15.05 -3.81
CA VAL A 78 4.55 15.10 -2.33
C VAL A 78 3.13 15.01 -1.80
N LEU A 79 3.07 14.54 -0.56
CA LEU A 79 1.88 14.44 0.28
C LEU A 79 2.13 15.35 1.47
N LYS A 80 1.16 16.19 1.74
CA LYS A 80 1.18 17.14 2.88
C LYS A 80 -0.20 17.24 3.50
N GLY A 81 -0.31 17.96 4.61
CA GLY A 81 -1.62 18.23 5.19
C GLY A 81 -2.20 16.97 5.80
N GLY A 82 -3.51 16.89 5.92
CA GLY A 82 -4.15 15.87 6.76
C GLY A 82 -3.54 15.80 8.17
N PRO A 83 -3.13 14.61 8.67
CA PRO A 83 -2.54 14.48 9.99
C PRO A 83 -1.03 14.82 10.01
N LEU A 84 -0.45 15.15 8.85
CA LEU A 84 1.02 15.18 8.68
C LEU A 84 1.56 16.57 9.03
N ASP A 85 2.75 16.57 9.58
CA ASP A 85 3.58 17.77 9.78
C ASP A 85 4.66 17.68 8.70
N GLY A 86 4.79 18.69 7.86
CA GLY A 86 5.89 18.73 6.91
C GLY A 86 5.53 18.02 5.62
N THR A 87 6.56 17.66 4.88
CA THR A 87 6.45 17.28 3.47
C THR A 87 6.96 15.86 3.34
N TYR A 88 6.17 15.02 2.66
CA TYR A 88 6.48 13.58 2.47
C TYR A 88 6.56 13.33 0.97
N ARG A 89 7.67 12.82 0.51
CA ARG A 89 7.98 12.62 -0.90
C ARG A 89 7.59 11.22 -1.34
N LEU A 90 6.89 11.12 -2.46
CA LEU A 90 6.53 9.81 -3.04
C LEU A 90 7.78 9.09 -3.52
N ILE A 91 7.98 7.86 -3.08
CA ILE A 91 9.12 7.02 -3.53
C ILE A 91 8.64 5.85 -4.38
N GLN A 92 7.49 5.26 -4.10
CA GLN A 92 7.02 4.09 -4.88
C GLN A 92 5.57 3.84 -4.53
N PHE A 93 4.88 3.15 -5.42
CA PHE A 93 3.59 2.50 -5.05
C PHE A 93 3.64 1.04 -5.42
N HIS A 94 2.80 0.29 -4.73
CA HIS A 94 2.62 -1.15 -4.95
C HIS A 94 1.21 -1.51 -4.49
N PHE A 95 0.85 -2.74 -4.76
CA PHE A 95 -0.46 -3.32 -4.37
C PHE A 95 -0.24 -4.61 -3.58
N HIS A 96 -1.33 -4.96 -2.89
CA HIS A 96 -1.54 -6.28 -2.28
C HIS A 96 -2.86 -6.79 -2.83
N TRP A 97 -2.95 -8.07 -3.17
CA TRP A 97 -4.19 -8.61 -3.78
C TRP A 97 -4.38 -10.07 -3.44
N GLY A 98 -5.56 -10.55 -3.79
CA GLY A 98 -6.01 -11.91 -3.44
C GLY A 98 -5.95 -12.89 -4.58
N SER A 99 -6.21 -14.14 -4.23
CA SER A 99 -6.48 -15.19 -5.23
C SER A 99 -7.92 -15.15 -5.74
N LEU A 100 -8.83 -14.50 -5.03
CA LEU A 100 -10.26 -14.40 -5.30
C LEU A 100 -10.69 -12.97 -5.01
N ASP A 101 -11.80 -12.52 -5.55
CA ASP A 101 -12.21 -11.11 -5.39
C ASP A 101 -12.60 -10.82 -3.94
N GLY A 102 -12.94 -11.84 -3.12
CA GLY A 102 -13.38 -11.61 -1.73
C GLY A 102 -12.27 -11.44 -0.71
N GLN A 103 -11.02 -11.32 -1.19
CA GLN A 103 -9.89 -11.09 -0.26
C GLN A 103 -8.77 -10.42 -1.04
N GLY A 104 -7.83 -9.87 -0.30
CA GLY A 104 -6.67 -9.23 -0.94
C GLY A 104 -6.23 -8.00 -0.23
N SER A 105 -7.16 -7.21 0.34
CA SER A 105 -6.76 -6.00 1.06
C SER A 105 -6.12 -6.35 2.38
N GLU A 106 -5.33 -5.43 2.85
CA GLU A 106 -4.64 -5.55 4.17
C GLU A 106 -5.47 -4.91 5.27
N HIS A 107 -5.82 -3.64 5.10
CA HIS A 107 -6.85 -3.05 5.97
C HIS A 107 -8.17 -3.65 5.57
N THR A 108 -9.04 -3.67 6.58
CA THR A 108 -10.47 -4.07 6.42
C THR A 108 -11.34 -2.97 6.98
N VAL A 109 -12.60 -2.95 6.56
CA VAL A 109 -13.54 -1.90 7.00
C VAL A 109 -14.73 -2.64 7.56
N ASP A 110 -14.93 -2.55 8.87
CA ASP A 110 -15.99 -3.35 9.54
C ASP A 110 -15.87 -4.81 9.13
N LYS A 111 -14.65 -5.29 9.08
CA LYS A 111 -14.21 -6.68 8.78
C LYS A 111 -14.38 -7.00 7.29
N LYS A 112 -14.85 -6.10 6.44
CA LYS A 112 -14.94 -6.28 4.97
C LYS A 112 -13.52 -6.25 4.36
N LYS A 113 -13.21 -7.28 3.61
CA LYS A 113 -11.98 -7.37 2.78
CA LYS A 113 -12.00 -7.37 2.78
C LYS A 113 -12.31 -6.92 1.36
N TYR A 114 -11.47 -6.06 0.81
CA TYR A 114 -11.54 -5.67 -0.60
C TYR A 114 -10.64 -6.59 -1.43
N ALA A 115 -10.81 -6.56 -2.74
CA ALA A 115 -10.07 -7.39 -3.70
C ALA A 115 -8.58 -7.09 -3.70
N ALA A 116 -8.24 -5.86 -3.38
CA ALA A 116 -6.84 -5.43 -3.41
C ALA A 116 -6.70 -4.11 -2.66
N GLU A 117 -5.45 -3.70 -2.45
CA GLU A 117 -5.15 -2.42 -1.77
C GLU A 117 -3.88 -1.83 -2.38
N LEU A 118 -3.98 -0.57 -2.79
CA LEU A 118 -2.87 0.25 -3.32
C LEU A 118 -2.24 1.02 -2.16
N HIS A 119 -0.92 0.97 -2.11
CA HIS A 119 -0.09 1.69 -1.11
C HIS A 119 0.83 2.63 -1.87
N LEU A 120 0.61 3.95 -1.69
CA LEU A 120 1.52 5.00 -2.18
C LEU A 120 2.41 5.43 -1.03
N VAL A 121 3.68 5.13 -1.15
CA VAL A 121 4.63 5.21 -0.04
C VAL A 121 5.40 6.51 -0.13
N HIS A 122 5.42 7.28 0.97
CA HIS A 122 6.09 8.59 1.03
C HIS A 122 6.98 8.68 2.25
N TRP A 123 8.06 9.42 2.14
CA TRP A 123 8.99 9.58 3.30
C TRP A 123 9.13 11.03 3.67
N ASN A 124 9.31 11.29 4.98
CA ASN A 124 9.42 12.64 5.56
C ASN A 124 10.75 13.29 5.19
N THR A 125 10.71 14.41 4.45
CA THR A 125 11.96 14.99 3.90
C THR A 125 12.85 15.52 5.03
N LYS A 126 12.29 15.65 6.32
CA LYS A 126 13.21 16.18 7.34
C LYS A 126 14.24 15.12 7.70
N TYR A 127 14.09 13.85 7.32
CA TYR A 127 15.08 12.80 7.58
C TYR A 127 16.02 12.54 6.40
N GLY A 128 15.86 13.19 5.28
CA GLY A 128 16.92 13.21 4.25
C GLY A 128 16.89 12.05 3.28
N ASP A 129 16.67 10.82 3.73
CA ASP A 129 16.56 9.66 2.83
C ASP A 129 15.57 8.67 3.45
N PHE A 130 15.10 7.75 2.63
CA PHE A 130 14.11 6.74 3.02
C PHE A 130 14.67 5.85 4.12
N GLY A 131 15.93 5.40 4.02
CA GLY A 131 16.54 4.53 5.01
C GLY A 131 16.61 5.16 6.39
N LYS A 132 16.83 6.47 6.48
CA LYS A 132 16.79 7.19 7.77
C LYS A 132 15.34 7.31 8.26
N ALA A 133 14.46 7.63 7.33
CA ALA A 133 13.06 7.90 7.69
C ALA A 133 12.44 6.66 8.32
N VAL A 134 12.75 5.46 7.87
CA VAL A 134 12.08 4.25 8.44
C VAL A 134 12.53 3.95 9.88
N GLN A 135 13.57 4.65 10.36
CA GLN A 135 14.01 4.51 11.76
C GLN A 135 13.26 5.49 12.67
N GLN A 136 12.30 6.25 12.18
CA GLN A 136 11.65 7.34 12.94
C GLN A 136 10.17 7.06 13.07
N PRO A 137 9.52 7.39 14.20
CA PRO A 137 8.10 7.13 14.36
C PRO A 137 7.16 7.88 13.41
N ASP A 138 7.65 8.96 12.88
CA ASP A 138 6.91 9.78 11.88
C ASP A 138 7.71 9.82 10.57
N GLY A 139 8.36 8.74 10.19
CA GLY A 139 9.22 8.73 9.01
C GLY A 139 8.47 8.59 7.69
N LEU A 140 7.40 7.81 7.69
CA LEU A 140 6.68 7.48 6.45
C LEU A 140 5.22 7.90 6.56
N ALA A 141 4.64 8.16 5.42
CA ALA A 141 3.19 8.32 5.25
C ALA A 141 2.79 7.41 4.10
N VAL A 142 1.90 6.45 4.36
CA VAL A 142 1.42 5.55 3.30
C VAL A 142 -0.05 5.85 3.08
N LEU A 143 -0.38 6.19 1.85
CA LEU A 143 -1.74 6.46 1.37
C LEU A 143 -2.29 5.14 0.87
N GLY A 144 -3.29 4.60 1.54
CA GLY A 144 -3.90 3.31 1.20
C GLY A 144 -5.23 3.53 0.49
N ILE A 145 -5.46 2.84 -0.60
CA ILE A 145 -6.68 2.96 -1.41
C ILE A 145 -7.17 1.56 -1.68
N PHE A 146 -8.41 1.30 -1.35
CA PHE A 146 -9.04 0.00 -1.63
C PHE A 146 -9.39 -0.14 -3.10
N LEU A 147 -9.28 -1.37 -3.61
CA LEU A 147 -9.78 -1.72 -4.96
C LEU A 147 -10.92 -2.71 -4.82
N LYS A 148 -12.01 -2.43 -5.53
CA LYS A 148 -13.14 -3.37 -5.71
C LYS A 148 -13.27 -3.71 -7.18
N VAL A 149 -13.78 -4.89 -7.46
CA VAL A 149 -13.95 -5.36 -8.87
C VAL A 149 -15.30 -4.89 -9.42
N GLY A 150 -15.24 -4.20 -10.54
CA GLY A 150 -16.44 -3.68 -11.24
C GLY A 150 -16.00 -3.15 -12.58
N SER A 151 -16.16 -1.85 -12.76
CA SER A 151 -15.71 -1.16 -14.01
CA SER A 151 -15.72 -1.17 -14.01
C SER A 151 -14.20 -1.07 -14.01
N ALA A 152 -13.59 -1.07 -15.16
CA ALA A 152 -12.15 -0.89 -15.31
C ALA A 152 -11.72 0.50 -14.82
N LYS A 153 -10.50 0.55 -14.28
CA LYS A 153 -9.81 1.82 -13.97
C LYS A 153 -8.91 2.19 -15.13
N PRO A 154 -9.23 3.21 -15.96
CA PRO A 154 -8.44 3.45 -17.17
C PRO A 154 -6.98 3.81 -16.86
N GLY A 155 -6.77 4.51 -15.75
CA GLY A 155 -5.43 4.94 -15.34
C GLY A 155 -4.57 3.82 -14.78
N LEU A 156 -5.13 2.63 -14.58
CA LEU A 156 -4.36 1.45 -14.14
C LEU A 156 -3.83 0.66 -15.34
N GLN A 157 -4.41 0.84 -16.53
CA GLN A 157 -4.16 -0.12 -17.63
C GLN A 157 -2.68 -0.11 -18.04
N LYS A 158 -2.01 1.06 -18.01
CA LYS A 158 -0.58 1.07 -18.41
C LYS A 158 0.26 0.18 -17.47
N VAL A 159 -0.14 0.10 -16.22
CA VAL A 159 0.51 -0.83 -15.25
C VAL A 159 0.21 -2.28 -15.62
N VAL A 160 -1.06 -2.59 -15.86
CA VAL A 160 -1.50 -3.97 -16.20
C VAL A 160 -0.75 -4.48 -17.45
N ASP A 161 -0.59 -3.59 -18.42
CA ASP A 161 -0.05 -4.04 -19.73
C ASP A 161 1.45 -4.32 -19.66
N VAL A 162 2.18 -3.80 -18.67
CA VAL A 162 3.65 -4.02 -18.56
C VAL A 162 3.94 -5.28 -17.73
N LEU A 163 2.96 -5.87 -17.04
CA LEU A 163 3.24 -6.94 -16.06
C LEU A 163 3.79 -8.21 -16.71
N ASP A 164 3.40 -8.47 -17.96
CA ASP A 164 3.98 -9.61 -18.73
C ASP A 164 5.50 -9.48 -18.83
N SER A 165 6.05 -8.28 -18.84
CA SER A 165 7.51 -8.06 -18.95
C SER A 165 8.25 -8.20 -17.62
N ILE A 166 7.55 -8.29 -16.48
CA ILE A 166 8.18 -8.46 -15.16
C ILE A 166 7.54 -9.63 -14.42
N LYS A 167 7.33 -10.72 -15.13
CA LYS A 167 6.55 -11.83 -14.57
C LYS A 167 7.18 -12.38 -13.30
N THR A 168 8.50 -12.48 -13.29
CA THR A 168 9.23 -13.20 -12.24
C THR A 168 10.12 -12.29 -11.39
N LYS A 169 10.43 -12.76 -10.20
CA LYS A 169 11.24 -12.07 -9.18
C LYS A 169 12.53 -11.55 -9.77
N GLY A 170 12.80 -10.26 -9.57
CA GLY A 170 14.09 -9.66 -9.99
C GLY A 170 13.98 -9.00 -11.33
N LYS A 171 12.92 -9.20 -12.08
CA LYS A 171 12.72 -8.53 -13.37
C LYS A 171 12.28 -7.09 -13.15
N SER A 172 12.77 -6.20 -13.98
CA SER A 172 12.37 -4.79 -13.99
C SER A 172 12.19 -4.32 -15.42
N ALA A 173 11.45 -3.25 -15.59
CA ALA A 173 11.25 -2.62 -16.91
C ALA A 173 11.21 -1.12 -16.75
N ASP A 174 11.64 -0.39 -17.77
CA ASP A 174 11.49 1.06 -17.81
C ASP A 174 10.01 1.37 -17.67
N PHE A 175 9.65 2.42 -16.90
CA PHE A 175 8.24 2.76 -16.69
C PHE A 175 8.16 4.25 -16.43
N THR A 176 8.49 5.01 -17.46
CA THR A 176 8.45 6.48 -17.40
C THR A 176 7.07 7.05 -17.73
N ASN A 177 6.85 8.28 -17.29
CA ASN A 177 5.69 9.11 -17.66
C ASN A 177 4.37 8.50 -17.18
N PHE A 178 4.39 7.76 -16.10
CA PHE A 178 3.13 7.22 -15.51
C PHE A 178 2.63 8.26 -14.51
N ASP A 179 1.34 8.58 -14.57
CA ASP A 179 0.71 9.61 -13.75
C ASP A 179 -0.10 8.97 -12.65
N PRO A 180 0.39 8.98 -11.39
CA PRO A 180 -0.32 8.27 -10.33
C PRO A 180 -1.65 8.93 -9.93
N ARG A 181 -1.90 10.13 -10.42
CA ARG A 181 -3.23 10.78 -10.17
C ARG A 181 -4.33 9.93 -10.80
N GLY A 182 -4.05 9.12 -11.82
CA GLY A 182 -5.03 8.25 -12.47
C GLY A 182 -5.48 7.10 -11.58
N LEU A 183 -4.85 6.90 -10.41
CA LEU A 183 -5.22 5.79 -9.49
C LEU A 183 -6.07 6.30 -8.32
N LEU A 184 -6.36 7.58 -8.21
CA LEU A 184 -7.07 8.12 -7.03
C LEU A 184 -8.57 8.02 -7.24
N PRO A 185 -9.35 7.89 -6.15
CA PRO A 185 -10.80 8.08 -6.25
C PRO A 185 -11.14 9.56 -6.31
N GLU A 186 -12.42 9.90 -6.42
CA GLU A 186 -12.89 11.29 -6.47
C GLU A 186 -12.67 11.96 -5.12
N SER A 187 -13.08 11.29 -4.03
CA SER A 187 -13.03 11.88 -2.67
C SER A 187 -11.71 11.56 -1.99
N LEU A 188 -11.17 12.51 -1.24
CA LEU A 188 -9.97 12.28 -0.40
C LEU A 188 -10.35 12.19 1.09
N ASP A 189 -11.60 11.88 1.42
CA ASP A 189 -12.00 11.55 2.81
C ASP A 189 -11.19 10.34 3.28
N TYR A 190 -10.73 10.34 4.53
CA TYR A 190 -9.78 9.30 4.99
C TYR A 190 -9.97 9.00 6.47
N TRP A 191 -9.43 7.84 6.85
CA TRP A 191 -9.11 7.45 8.25
C TRP A 191 -7.61 7.52 8.42
N THR A 192 -7.14 7.77 9.64
CA THR A 192 -5.70 7.82 9.91
C THR A 192 -5.38 7.21 11.27
N TYR A 193 -4.26 6.54 11.38
CA TYR A 193 -3.77 5.98 12.65
C TYR A 193 -2.27 5.73 12.52
N PRO A 194 -1.54 5.66 13.65
CA PRO A 194 -0.13 5.34 13.64
C PRO A 194 0.11 3.82 13.55
N GLY A 195 0.94 3.41 12.63
CA GLY A 195 1.18 1.99 12.43
C GLY A 195 2.56 1.71 11.91
N SER A 196 2.63 0.68 11.08
CA SER A 196 3.90 0.03 10.69
C SER A 196 3.95 -0.29 9.20
N LEU A 197 5.14 -0.67 8.73
CA LEU A 197 5.22 -1.41 7.45
C LEU A 197 4.41 -2.68 7.63
N THR A 198 3.77 -3.16 6.57
CA THR A 198 2.97 -4.41 6.64
C THR A 198 3.77 -5.60 6.17
N THR A 199 5.05 -5.43 5.79
CA THR A 199 5.95 -6.56 5.48
C THR A 199 7.17 -6.37 6.35
N PRO A 200 7.92 -7.46 6.58
CA PRO A 200 9.23 -7.33 7.18
C PRO A 200 10.02 -6.21 6.49
N PRO A 201 10.74 -5.35 7.20
CA PRO A 201 11.02 -5.49 8.64
C PRO A 201 9.99 -4.98 9.65
N LEU A 202 8.79 -4.60 9.19
CA LEU A 202 7.61 -4.35 10.10
C LEU A 202 7.88 -3.14 11.00
N LEU A 203 8.69 -2.21 10.50
CA LEU A 203 9.14 -1.08 11.34
C LEU A 203 7.96 -0.16 11.65
N GLU A 204 7.94 0.37 12.86
CA GLU A 204 6.81 1.16 13.39
C GLU A 204 7.02 2.64 13.06
N CYS A 205 6.95 2.98 11.78
CA CYS A 205 7.43 4.30 11.27
C CYS A 205 6.37 4.95 10.38
N VAL A 206 5.15 4.43 10.35
CA VAL A 206 4.15 4.87 9.33
C VAL A 206 3.00 5.62 9.96
N THR A 207 2.66 6.78 9.42
CA THR A 207 1.34 7.40 9.53
C THR A 207 0.50 6.83 8.39
N TRP A 208 -0.49 6.05 8.72
CA TRP A 208 -1.39 5.46 7.72
C TRP A 208 -2.50 6.44 7.42
N ILE A 209 -2.81 6.62 6.17
CA ILE A 209 -3.90 7.47 5.66
C ILE A 209 -4.68 6.58 4.71
N VAL A 210 -5.87 6.11 5.09
CA VAL A 210 -6.64 5.12 4.30
C VAL A 210 -7.89 5.80 3.75
N LEU A 211 -8.00 5.90 2.45
CA LEU A 211 -9.13 6.61 1.82
C LEU A 211 -10.40 5.79 2.01
N LYS A 212 -11.51 6.47 2.29
CA LYS A 212 -12.80 5.79 2.46
C LYS A 212 -13.35 5.31 1.13
N GLU A 213 -13.13 6.03 0.03
CA GLU A 213 -13.75 5.65 -1.25
C GLU A 213 -12.84 4.69 -2.00
N PRO A 214 -13.30 3.47 -2.32
CA PRO A 214 -12.50 2.55 -3.12
C PRO A 214 -12.47 3.02 -4.57
N ILE A 215 -11.45 2.55 -5.30
CA ILE A 215 -11.47 2.64 -6.77
C ILE A 215 -11.98 1.33 -7.33
N SER A 216 -12.61 1.40 -8.50
CA SER A 216 -13.09 0.23 -9.23
C SER A 216 -12.08 -0.19 -10.28
N VAL A 217 -11.78 -1.48 -10.31
CA VAL A 217 -10.95 -2.06 -11.38
C VAL A 217 -11.71 -3.21 -12.01
N SER A 218 -11.37 -3.62 -13.21
CA SER A 218 -12.14 -4.70 -13.85
C SER A 218 -11.60 -6.06 -13.41
N SER A 219 -12.42 -7.08 -13.59
CA SER A 219 -11.99 -8.46 -13.32
CA SER A 219 -12.00 -8.48 -13.33
C SER A 219 -10.77 -8.77 -14.20
N GLU A 220 -10.74 -8.30 -15.45
CA GLU A 220 -9.59 -8.60 -16.33
C GLU A 220 -8.32 -7.93 -15.78
N GLN A 221 -8.43 -6.73 -15.22
CA GLN A 221 -7.25 -6.06 -14.64
C GLN A 221 -6.69 -6.87 -13.48
N VAL A 222 -7.54 -7.27 -12.55
CA VAL A 222 -6.95 -8.00 -11.39
CA VAL A 222 -7.00 -8.04 -11.38
C VAL A 222 -6.53 -9.41 -11.84
N LEU A 223 -7.17 -10.00 -12.84
CA LEU A 223 -6.71 -11.32 -13.32
C LEU A 223 -5.26 -11.19 -13.78
N LYS A 224 -4.88 -10.07 -14.36
CA LYS A 224 -3.50 -9.88 -14.84
C LYS A 224 -2.54 -9.76 -13.65
N PHE A 225 -2.93 -9.14 -12.55
CA PHE A 225 -2.08 -9.14 -11.35
C PHE A 225 -1.78 -10.59 -10.93
N ARG A 226 -2.81 -11.43 -11.01
CA ARG A 226 -2.69 -12.81 -10.50
C ARG A 226 -1.89 -13.72 -11.44
N LYS A 227 -1.41 -13.23 -12.57
CA LYS A 227 -0.54 -14.00 -13.47
C LYS A 227 0.91 -13.76 -13.13
N LEU A 228 1.21 -12.78 -12.25
CA LEU A 228 2.60 -12.57 -11.78
C LEU A 228 3.08 -13.79 -11.01
N ASN A 229 4.39 -13.87 -10.83
CA ASN A 229 5.03 -14.99 -10.09
C ASN A 229 5.83 -14.49 -8.90
N PHE A 230 5.79 -15.20 -7.80
CA PHE A 230 6.69 -14.98 -6.66
C PHE A 230 8.12 -15.46 -6.98
N ASN A 231 8.20 -16.54 -7.77
CA ASN A 231 9.45 -17.22 -8.14
C ASN A 231 10.25 -16.38 -9.13
N GLY A 232 11.54 -16.70 -9.18
CA GLY A 232 12.43 -16.28 -10.26
C GLY A 232 12.24 -17.07 -11.53
N GLU A 233 12.73 -16.53 -12.64
CA GLU A 233 12.76 -17.21 -13.95
C GLU A 233 13.42 -18.58 -13.83
N GLY A 234 12.84 -19.55 -14.52
CA GLY A 234 13.35 -20.94 -14.55
C GLY A 234 13.21 -21.65 -13.22
N GLU A 235 12.30 -21.19 -12.34
CA GLU A 235 11.89 -21.90 -11.12
C GLU A 235 10.44 -22.32 -11.30
N PRO A 236 9.99 -23.35 -10.56
CA PRO A 236 8.61 -23.80 -10.64
C PRO A 236 7.65 -22.64 -10.33
N GLU A 237 6.56 -22.58 -11.08
CA GLU A 237 5.70 -21.38 -11.01
C GLU A 237 4.98 -21.38 -9.66
N GLU A 238 5.00 -20.26 -8.96
CA GLU A 238 4.16 -19.99 -7.77
C GLU A 238 3.48 -18.65 -8.04
N LEU A 239 2.18 -18.68 -8.29
CA LEU A 239 1.47 -17.44 -8.64
C LEU A 239 1.56 -16.43 -7.49
N MET A 240 1.78 -15.18 -7.86
CA MET A 240 1.80 -14.04 -6.91
C MET A 240 0.35 -13.65 -6.62
N VAL A 241 -0.17 -14.28 -5.60
CA VAL A 241 -1.54 -14.03 -5.10
C VAL A 241 -1.48 -14.11 -3.59
N ASP A 242 -2.43 -13.45 -2.93
CA ASP A 242 -2.57 -13.46 -1.45
C ASP A 242 -1.28 -12.97 -0.78
N ASN A 243 -0.77 -11.85 -1.30
CA ASN A 243 0.41 -11.16 -0.72
C ASN A 243 -0.02 -10.08 0.25
N TRP A 244 -0.90 -10.42 1.18
CA TRP A 244 -1.48 -9.51 2.16
C TRP A 244 -1.25 -10.09 3.55
N ARG A 245 -0.97 -9.20 4.48
CA ARG A 245 -0.90 -9.51 5.94
C ARG A 245 -2.29 -9.29 6.51
N PRO A 246 -2.84 -10.17 7.35
CA PRO A 246 -4.13 -9.91 7.96
C PRO A 246 -4.05 -8.82 9.02
N ALA A 247 -5.23 -8.38 9.44
CA ALA A 247 -5.43 -7.34 10.48
C ALA A 247 -4.76 -7.77 11.79
N GLN A 248 -4.09 -6.80 12.40
CA GLN A 248 -3.34 -6.92 13.65
C GLN A 248 -4.06 -6.22 14.79
N PRO A 249 -3.73 -6.55 16.06
CA PRO A 249 -4.44 -5.91 17.16
C PRO A 249 -4.27 -4.38 17.17
N LEU A 250 -5.37 -3.67 17.42
CA LEU A 250 -5.31 -2.18 17.51
C LEU A 250 -4.54 -1.74 18.75
N LYS A 251 -4.62 -2.48 19.86
CA LYS A 251 -3.90 -2.10 21.11
C LYS A 251 -4.29 -0.68 21.51
N ASN A 252 -3.34 0.11 21.91
CA ASN A 252 -3.64 1.42 22.52
C ASN A 252 -3.62 2.48 21.43
N ARG A 253 -4.51 2.33 20.42
CA ARG A 253 -4.58 3.29 19.30
C ARG A 253 -6.02 3.69 19.03
N GLN A 254 -6.14 4.90 18.52
CA GLN A 254 -7.41 5.50 18.09
CA GLN A 254 -7.43 5.46 18.08
C GLN A 254 -7.30 5.75 16.58
N ILE A 255 -8.28 5.32 15.84
CA ILE A 255 -8.40 5.65 14.40
C ILE A 255 -9.26 6.92 14.31
N LYS A 256 -8.75 7.92 13.62
CA LYS A 256 -9.45 9.21 13.46
C LYS A 256 -10.00 9.29 12.06
N ALA A 257 -11.14 9.90 11.86
CA ALA A 257 -11.81 10.12 10.56
C ALA A 257 -11.72 11.59 10.21
N SER A 258 -11.50 11.88 8.95
CA SER A 258 -11.47 13.27 8.46
C SER A 258 -12.88 13.77 8.18
N PHE A 259 -13.88 12.93 8.25
CA PHE A 259 -15.24 13.24 7.76
C PHE A 259 -16.25 12.80 8.81
N LYS A 260 -17.46 13.38 8.74
CA LYS A 260 -18.58 13.07 9.68
C LYS A 260 -19.28 11.81 9.17
#